data_4CML
#
_entry.id   4CML
#
_cell.length_a   133.661
_cell.length_b   133.661
_cell.length_c   133.661
_cell.angle_alpha   90.00
_cell.angle_beta   90.00
_cell.angle_gamma   90.00
#
_symmetry.space_group_name_H-M   'P 21 3'
#
loop_
_entity.id
_entity.type
_entity.pdbx_description
1 polymer 'TYPE II INOSITOL 1,4,5-TRISPHOSPHATE 5- PHOSPHATASE, ISOFORM 2'
2 non-polymer '1,2-dioctanoyl phosphatidyl epi-inositol (3,4)-bisphosphate'
3 non-polymer 'MAGNESIUM ION'
4 non-polymer 'CHLORIDE ION'
5 non-polymer 'SULFATE ION'
6 non-polymer GLYCEROL
7 water water
#
_entity_poly.entity_id   1
_entity_poly.type   'polypeptide(L)'
_entity_poly.pdbx_seq_one_letter_code
;MYTYIQNFRFFAGTYNVNGQSPKECLRLWLSNGIQAPDVYCVGFQELDLSKEAFFFHDTPKEEEWFKAVSEGLHPDAKYA
KVKLIRLVGIMLLLYVKQEHAAYISEVEAETVGTGIMGRMGNKGGVAIRFQFHNTSICVVNSHLAAHIEEYERRNQDYKD
ICSRMQFCQPDPSLPPLTISNHDVILWLGDLNYRIEELDVEKVKKLIEEKDFQMLYAYDQLKIQVAAKTVFEGFTEGELT
FQPTYKYDTGSDDWDTSEKCRAPAWCDRILWKGKNITQLSYQSHMALKTSDHKPVSSVFDIGVRVVAHHHHHH
;
_entity_poly.pdbx_strand_id   A
#
# COMPACT_ATOMS: atom_id res chain seq x y z
N MET A 1 -5.15 -33.30 -12.33
CA MET A 1 -5.24 -32.00 -13.05
C MET A 1 -3.85 -31.47 -13.45
N TYR A 2 -3.85 -30.45 -14.31
CA TYR A 2 -2.62 -29.81 -14.78
C TYR A 2 -2.74 -28.29 -14.67
N THR A 3 -1.68 -27.64 -14.17
CA THR A 3 -1.63 -26.18 -14.08
C THR A 3 -0.56 -25.57 -14.99
N TYR A 4 -0.76 -24.30 -15.33
CA TYR A 4 0.15 -23.55 -16.18
C TYR A 4 0.14 -22.11 -15.69
N ILE A 5 1.19 -21.36 -16.00
CA ILE A 5 1.28 -19.96 -15.66
C ILE A 5 0.56 -19.09 -16.70
N GLN A 6 -0.32 -18.23 -16.20
CA GLN A 6 -1.03 -17.24 -16.98
C GLN A 6 -0.82 -15.91 -16.27
N ASN A 7 -0.49 -14.87 -17.03
CA ASN A 7 -0.19 -13.56 -16.47
C ASN A 7 -1.42 -12.72 -16.27
N PHE A 8 -1.51 -12.10 -15.10
CA PHE A 8 -2.56 -11.12 -14.85
C PHE A 8 -1.93 -9.81 -14.41
N ARG A 9 -2.64 -8.73 -14.73
CA ARG A 9 -2.20 -7.38 -14.35
C ARG A 9 -2.79 -6.98 -13.01
N PHE A 10 -1.91 -6.65 -12.05
CA PHE A 10 -2.30 -6.19 -10.72
C PHE A 10 -1.91 -4.73 -10.55
N PHE A 11 -2.87 -3.89 -10.14
CA PHE A 11 -2.61 -2.52 -9.74
C PHE A 11 -2.58 -2.47 -8.22
N ALA A 12 -1.55 -1.81 -7.67
CA ALA A 12 -1.44 -1.53 -6.25
C ALA A 12 -1.33 -0.02 -6.08
N GLY A 13 -2.12 0.53 -5.15
CA GLY A 13 -2.08 1.95 -4.86
C GLY A 13 -2.07 2.19 -3.37
N THR A 14 -1.38 3.25 -2.95
CA THR A 14 -1.39 3.68 -1.57
C THR A 14 -1.55 5.20 -1.53
N TYR A 15 -2.38 5.68 -0.60
CA TYR A 15 -2.70 7.11 -0.50
C TYR A 15 -3.03 7.48 0.95
N ASN A 16 -2.25 8.39 1.52
CA ASN A 16 -2.53 8.95 2.83
C ASN A 16 -3.34 10.23 2.58
N VAL A 17 -4.60 10.23 3.02
CA VAL A 17 -5.54 11.29 2.63
C VAL A 17 -5.76 12.36 3.70
N ASN A 18 -4.92 12.35 4.72
CA ASN A 18 -4.89 13.43 5.74
C ASN A 18 -6.27 13.74 6.36
N GLY A 19 -7.05 12.70 6.59
CA GLY A 19 -8.36 12.83 7.22
C GLY A 19 -9.42 13.51 6.37
N GLN A 20 -9.14 13.71 5.09
CA GLN A 20 -10.06 14.41 4.19
C GLN A 20 -11.06 13.47 3.53
N SER A 21 -12.20 14.03 3.16
CA SER A 21 -13.13 13.41 2.23
C SER A 21 -12.59 13.58 0.80
N PRO A 22 -13.02 12.72 -0.12
CA PRO A 22 -12.55 12.86 -1.49
C PRO A 22 -13.18 14.05 -2.19
N LYS A 23 -12.36 14.85 -2.86
CA LYS A 23 -12.81 16.03 -3.60
C LYS A 23 -12.51 15.97 -5.09
N GLU A 24 -11.62 15.08 -5.50
CA GLU A 24 -11.20 14.98 -6.89
C GLU A 24 -11.53 13.61 -7.47
N CYS A 25 -11.72 13.57 -8.79
CA CYS A 25 -11.85 12.33 -9.50
C CYS A 25 -10.56 11.52 -9.31
N LEU A 26 -10.69 10.24 -8.98
CA LEU A 26 -9.52 9.41 -8.74
C LEU A 26 -8.99 8.68 -9.98
N ARG A 27 -9.58 8.92 -11.16
CA ARG A 27 -9.00 8.37 -12.38
C ARG A 27 -7.53 8.75 -12.55
N LEU A 28 -7.17 9.96 -12.14
CA LEU A 28 -5.80 10.45 -12.27
C LEU A 28 -4.82 9.59 -11.48
N TRP A 29 -5.33 8.83 -10.52
CA TRP A 29 -4.55 7.87 -9.76
C TRP A 29 -4.74 6.44 -10.26
N LEU A 30 -5.99 6.05 -10.46
CA LEU A 30 -6.37 4.64 -10.61
C LEU A 30 -6.49 4.16 -12.06
N SER A 31 -6.70 5.06 -12.99
CA SER A 31 -6.82 4.69 -14.40
C SER A 31 -6.36 5.84 -15.31
N ASN A 32 -5.09 6.22 -15.15
CA ASN A 32 -4.52 7.37 -15.85
C ASN A 32 -3.74 6.91 -17.07
N GLY A 33 -4.43 6.67 -18.17
CA GLY A 33 -3.77 6.14 -19.37
C GLY A 33 -3.09 4.78 -19.20
N ILE A 34 -3.64 3.89 -18.39
CA ILE A 34 -3.12 2.52 -18.32
C ILE A 34 -4.12 1.54 -18.92
N GLN A 35 -3.65 0.36 -19.32
CA GLN A 35 -4.53 -0.75 -19.66
C GLN A 35 -5.32 -1.14 -18.43
N ALA A 36 -6.51 -1.69 -18.63
CA ALA A 36 -7.38 -2.12 -17.54
C ALA A 36 -6.71 -3.19 -16.69
N PRO A 37 -6.49 -2.93 -15.40
CA PRO A 37 -5.99 -4.00 -14.54
C PRO A 37 -6.98 -5.16 -14.41
N ASP A 38 -6.46 -6.37 -14.20
CA ASP A 38 -7.28 -7.52 -13.86
C ASP A 38 -7.70 -7.50 -12.38
N VAL A 39 -6.80 -6.98 -11.54
CA VAL A 39 -6.98 -6.92 -10.09
C VAL A 39 -6.52 -5.55 -9.57
N TYR A 40 -7.36 -4.92 -8.73
CA TYR A 40 -7.04 -3.66 -8.06
C TYR A 40 -6.88 -3.89 -6.57
N CYS A 41 -5.77 -3.39 -6.01
CA CYS A 41 -5.47 -3.41 -4.59
C CYS A 41 -5.23 -1.96 -4.19
N VAL A 42 -6.16 -1.38 -3.47
CA VAL A 42 -6.15 0.05 -3.22
C VAL A 42 -6.16 0.33 -1.72
N GLY A 43 -5.09 0.97 -1.23
CA GLY A 43 -4.92 1.21 0.19
C GLY A 43 -4.87 2.68 0.58
N PHE A 44 -5.46 2.97 1.73
CA PHE A 44 -5.48 4.30 2.31
C PHE A 44 -4.90 4.32 3.72
N GLN A 45 -4.36 5.48 4.09
CA GLN A 45 -4.07 5.81 5.49
C GLN A 45 -4.74 7.15 5.85
N GLU A 46 -5.00 7.33 7.14
CA GLU A 46 -5.63 8.54 7.66
C GLU A 46 -6.98 8.84 6.99
N LEU A 47 -7.77 7.81 6.78
CA LEU A 47 -9.12 7.98 6.22
C LEU A 47 -9.96 8.90 7.10
N ASP A 48 -9.75 8.82 8.42
CA ASP A 48 -10.52 9.57 9.42
C ASP A 48 -9.66 9.78 10.67
N LEU A 49 -9.40 11.05 11.00
CA LEU A 49 -8.52 11.38 12.11
C LEU A 49 -9.30 11.74 13.38
N SER A 50 -10.62 11.52 13.37
CA SER A 50 -11.46 11.88 14.51
C SER A 50 -11.22 10.96 15.73
N LYS A 51 -11.57 11.47 16.90
CA LYS A 51 -11.52 10.70 18.12
C LYS A 51 -12.53 9.54 18.05
N GLU A 52 -13.67 9.77 17.39
CA GLU A 52 -14.70 8.74 17.26
C GLU A 52 -14.16 7.55 16.46
N ALA A 53 -13.46 7.82 15.36
CA ALA A 53 -12.87 6.75 14.55
C ALA A 53 -11.78 6.03 15.34
N PHE A 54 -10.98 6.82 16.06
CA PHE A 54 -9.91 6.31 16.92
C PHE A 54 -10.44 5.28 17.93
N PHE A 55 -11.63 5.51 18.47
CA PHE A 55 -12.27 4.54 19.38
C PHE A 55 -13.21 3.55 18.67
N PHE A 56 -12.93 3.35 17.37
CA PHE A 56 -13.40 2.20 16.58
C PHE A 56 -14.84 2.28 16.08
N HIS A 57 -15.39 3.48 16.04
CA HIS A 57 -16.72 3.69 15.48
C HIS A 57 -16.68 3.67 13.96
N ASP A 58 -17.82 3.34 13.35
CA ASP A 58 -18.01 3.46 11.92
C ASP A 58 -17.85 4.91 11.50
N THR A 59 -17.48 5.12 10.25
CA THR A 59 -17.25 6.47 9.72
C THR A 59 -17.78 6.58 8.29
N PRO A 60 -18.39 7.72 7.95
CA PRO A 60 -18.87 7.91 6.58
C PRO A 60 -17.72 7.97 5.56
N LYS A 61 -16.51 8.18 6.03
CA LYS A 61 -15.34 8.24 5.17
C LYS A 61 -15.08 6.93 4.46
N GLU A 62 -15.44 5.82 5.11
CA GLU A 62 -15.31 4.49 4.51
C GLU A 62 -16.07 4.44 3.18
N GLU A 63 -17.36 4.75 3.21
CA GLU A 63 -18.17 4.72 2.00
C GLU A 63 -17.78 5.82 0.99
N GLU A 64 -17.48 7.02 1.47
CA GLU A 64 -17.08 8.09 0.56
C GLU A 64 -15.88 7.67 -0.28
N TRP A 65 -14.86 7.12 0.35
CA TRP A 65 -13.63 6.75 -0.36
C TRP A 65 -13.79 5.47 -1.17
N PHE A 66 -14.62 4.54 -0.69
CA PHE A 66 -14.93 3.34 -1.47
C PHE A 66 -15.63 3.69 -2.80
N LYS A 67 -16.59 4.59 -2.73
CA LYS A 67 -17.31 5.03 -3.93
C LYS A 67 -16.40 5.78 -4.89
N ALA A 68 -15.57 6.66 -4.35
CA ALA A 68 -14.60 7.41 -5.16
C ALA A 68 -13.64 6.46 -5.89
N VAL A 69 -13.20 5.40 -5.21
CA VAL A 69 -12.30 4.41 -5.82
C VAL A 69 -13.06 3.65 -6.91
N SER A 70 -14.26 3.19 -6.58
CA SER A 70 -15.07 2.43 -7.54
C SER A 70 -15.32 3.23 -8.81
N GLU A 71 -15.57 4.52 -8.65
CA GLU A 71 -15.84 5.42 -9.78
C GLU A 71 -14.57 5.71 -10.58
N GLY A 72 -13.41 5.58 -9.95
CA GLY A 72 -12.13 5.85 -10.59
C GLY A 72 -11.45 4.66 -11.23
N LEU A 73 -12.01 3.46 -11.05
CA LEU A 73 -11.47 2.28 -11.70
C LEU A 73 -11.61 2.38 -13.23
N HIS A 74 -10.78 1.61 -13.93
CA HIS A 74 -10.74 1.67 -15.37
C HIS A 74 -12.12 1.42 -15.96
N PRO A 75 -12.58 2.29 -16.87
CA PRO A 75 -13.94 2.20 -17.43
C PRO A 75 -14.23 1.04 -18.37
N ASP A 76 -13.20 0.33 -18.85
CA ASP A 76 -13.39 -0.74 -19.83
C ASP A 76 -13.88 -2.05 -19.25
N ALA A 77 -13.79 -2.21 -17.94
CA ALA A 77 -14.18 -3.44 -17.29
C ALA A 77 -15.13 -3.15 -16.16
N LYS A 78 -16.07 -4.08 -15.94
CA LYS A 78 -16.86 -4.11 -14.74
C LYS A 78 -16.01 -4.77 -13.66
N TYR A 79 -15.80 -4.08 -12.55
CA TYR A 79 -15.05 -4.65 -11.43
C TYR A 79 -15.98 -5.09 -10.31
N ALA A 80 -15.73 -6.28 -9.79
CA ALA A 80 -16.42 -6.80 -8.61
C ALA A 80 -15.60 -6.44 -7.38
N LYS A 81 -16.28 -5.92 -6.35
CA LYS A 81 -15.66 -5.71 -5.06
C LYS A 81 -15.51 -7.07 -4.39
N VAL A 82 -14.30 -7.47 -4.07
CA VAL A 82 -14.06 -8.74 -3.39
C VAL A 82 -14.07 -8.54 -1.86
N LYS A 83 -13.40 -7.51 -1.38
CA LYS A 83 -13.25 -7.32 0.06
C LYS A 83 -12.84 -5.91 0.44
N LEU A 84 -13.38 -5.44 1.55
CA LEU A 84 -12.97 -4.20 2.20
C LEU A 84 -12.57 -4.54 3.63
N ILE A 85 -11.45 -3.97 4.08
CA ILE A 85 -11.03 -4.12 5.47
C ILE A 85 -10.51 -2.76 5.96
N ARG A 86 -10.93 -2.37 7.16
CA ARG A 86 -10.52 -1.10 7.75
C ARG A 86 -10.19 -1.23 9.24
N LEU A 87 -9.11 -0.60 9.66
CA LEU A 87 -8.82 -0.34 11.08
C LEU A 87 -8.59 1.16 11.24
N VAL A 88 -9.55 1.84 11.87
CA VAL A 88 -9.50 3.29 12.05
C VAL A 88 -9.31 3.97 10.67
N GLY A 89 -8.12 4.52 10.40
CA GLY A 89 -7.86 5.21 9.13
C GLY A 89 -7.16 4.37 8.07
N ILE A 90 -6.83 3.12 8.37
CA ILE A 90 -6.11 2.25 7.45
C ILE A 90 -7.14 1.36 6.78
N MET A 91 -7.34 1.56 5.47
CA MET A 91 -8.33 0.80 4.70
C MET A 91 -7.70 0.18 3.45
N LEU A 92 -8.04 -1.07 3.18
CA LEU A 92 -7.58 -1.74 1.97
C LEU A 92 -8.79 -2.26 1.21
N LEU A 93 -8.81 -2.03 -0.10
CA LEU A 93 -9.86 -2.53 -0.99
C LEU A 93 -9.30 -3.49 -2.02
N LEU A 94 -10.00 -4.59 -2.25
CA LEU A 94 -9.65 -5.54 -3.33
C LEU A 94 -10.81 -5.67 -4.32
N TYR A 95 -10.52 -5.44 -5.61
CA TYR A 95 -11.50 -5.66 -6.67
C TYR A 95 -10.88 -6.55 -7.73
N VAL A 96 -11.72 -7.27 -8.47
CA VAL A 96 -11.26 -8.00 -9.65
C VAL A 96 -12.25 -7.78 -10.79
N LYS A 97 -11.78 -7.89 -12.03
CA LYS A 97 -12.69 -7.89 -13.17
C LYS A 97 -13.77 -8.94 -12.93
N GLN A 98 -15.01 -8.61 -13.26
CA GLN A 98 -16.13 -9.51 -13.05
C GLN A 98 -15.85 -10.91 -13.60
N GLU A 99 -15.30 -10.98 -14.81
CA GLU A 99 -14.98 -12.26 -15.45
C GLU A 99 -14.00 -13.13 -14.66
N HIS A 100 -13.20 -12.55 -13.78
CA HIS A 100 -12.27 -13.31 -12.95
C HIS A 100 -12.84 -13.67 -11.57
N ALA A 101 -13.99 -13.12 -11.20
CA ALA A 101 -14.53 -13.25 -9.83
C ALA A 101 -14.76 -14.70 -9.40
N ALA A 102 -15.21 -15.54 -10.34
CA ALA A 102 -15.48 -16.95 -10.05
C ALA A 102 -14.22 -17.75 -9.62
N TYR A 103 -13.04 -17.20 -9.83
CA TYR A 103 -11.78 -17.88 -9.53
C TYR A 103 -11.09 -17.32 -8.29
N ILE A 104 -11.81 -16.48 -7.55
CA ILE A 104 -11.35 -15.97 -6.26
C ILE A 104 -11.96 -16.87 -5.15
N SER A 105 -11.13 -17.34 -4.23
CA SER A 105 -11.61 -18.12 -3.09
C SER A 105 -10.81 -17.83 -1.84
N GLU A 106 -11.28 -18.35 -0.70
CA GLU A 106 -10.55 -18.28 0.57
C GLU A 106 -10.14 -16.87 0.94
N VAL A 107 -11.08 -15.93 0.79
CA VAL A 107 -10.83 -14.53 1.13
C VAL A 107 -10.88 -14.36 2.63
N GLU A 108 -9.81 -13.80 3.19
CA GLU A 108 -9.74 -13.53 4.62
C GLU A 108 -9.12 -12.15 4.81
N ALA A 109 -9.61 -11.41 5.80
CA ALA A 109 -9.08 -10.08 6.09
C ALA A 109 -8.87 -9.94 7.59
N GLU A 110 -7.77 -9.30 7.97
CA GLU A 110 -7.42 -9.10 9.38
C GLU A 110 -6.70 -7.78 9.57
N THR A 111 -6.58 -7.35 10.82
CA THR A 111 -5.92 -6.09 11.17
C THR A 111 -5.04 -6.25 12.40
N VAL A 112 -4.04 -5.38 12.51
CA VAL A 112 -3.14 -5.34 13.66
C VAL A 112 -2.85 -3.89 14.01
N GLY A 113 -3.23 -3.48 15.22
CA GLY A 113 -2.95 -2.13 15.70
C GLY A 113 -1.59 -2.09 16.38
N THR A 114 -0.76 -1.13 15.98
CA THR A 114 0.59 -0.97 16.55
C THR A 114 0.82 0.47 17.01
N GLY A 115 -0.25 1.17 17.36
CA GLY A 115 -0.20 2.59 17.71
C GLY A 115 -0.14 2.80 19.22
N ILE A 116 -1.06 3.60 19.76
CA ILE A 116 -1.00 3.96 21.17
C ILE A 116 -0.99 2.70 22.03
N MET A 117 -0.06 2.68 23.00
CA MET A 117 0.18 1.54 23.88
C MET A 117 0.47 0.25 23.14
N GLY A 118 0.99 0.36 21.92
CA GLY A 118 1.34 -0.79 21.12
C GLY A 118 0.19 -1.50 20.45
N ARG A 119 -1.06 -1.04 20.68
CA ARG A 119 -2.26 -1.80 20.29
C ARG A 119 -3.33 -1.04 19.52
N MET A 120 -3.41 0.28 19.72
CA MET A 120 -4.48 1.06 19.11
C MET A 120 -4.25 1.21 17.61
N GLY A 121 -5.26 1.71 16.91
CA GLY A 121 -5.29 1.69 15.44
C GLY A 121 -4.87 2.98 14.74
N ASN A 122 -4.31 3.93 15.47
CA ASN A 122 -3.74 5.13 14.85
C ASN A 122 -2.56 4.80 13.93
N LYS A 123 -1.91 3.68 14.20
CA LYS A 123 -0.91 3.09 13.31
C LYS A 123 -1.10 1.59 13.36
N GLY A 124 -0.54 0.89 12.38
CA GLY A 124 -0.68 -0.55 12.28
C GLY A 124 -0.83 -1.01 10.85
N GLY A 125 -1.48 -2.15 10.67
CA GLY A 125 -1.63 -2.76 9.36
C GLY A 125 -2.96 -3.47 9.20
N VAL A 126 -3.44 -3.54 7.96
CA VAL A 126 -4.57 -4.38 7.59
C VAL A 126 -4.15 -5.21 6.40
N ALA A 127 -4.82 -6.35 6.19
CA ALA A 127 -4.44 -7.24 5.12
C ALA A 127 -5.62 -8.04 4.59
N ILE A 128 -5.57 -8.31 3.29
CA ILE A 128 -6.53 -9.21 2.65
C ILE A 128 -5.71 -10.30 1.98
N ARG A 129 -6.04 -11.56 2.30
CA ARG A 129 -5.45 -12.67 1.57
C ARG A 129 -6.54 -13.46 0.85
N PHE A 130 -6.13 -14.11 -0.23
CA PHE A 130 -7.05 -14.85 -1.05
C PHE A 130 -6.31 -15.79 -1.98
N GLN A 131 -7.06 -16.71 -2.56
CA GLN A 131 -6.56 -17.55 -3.61
C GLN A 131 -7.17 -17.09 -4.91
N PHE A 132 -6.31 -16.88 -5.91
CA PHE A 132 -6.73 -16.57 -7.27
C PHE A 132 -6.28 -17.74 -8.11
N HIS A 133 -7.24 -18.42 -8.72
CA HIS A 133 -7.00 -19.72 -9.32
C HIS A 133 -6.28 -20.60 -8.29
N ASN A 134 -5.08 -21.09 -8.60
CA ASN A 134 -4.33 -21.93 -7.66
C ASN A 134 -3.16 -21.21 -6.97
N THR A 135 -3.17 -19.88 -6.97
CA THR A 135 -2.08 -19.10 -6.38
C THR A 135 -2.58 -18.32 -5.17
N SER A 136 -1.84 -18.38 -4.06
CA SER A 136 -2.18 -17.64 -2.84
C SER A 136 -1.52 -16.27 -2.84
N ILE A 137 -2.29 -15.27 -2.44
CA ILE A 137 -1.88 -13.87 -2.49
C ILE A 137 -2.27 -13.17 -1.20
N CYS A 138 -1.35 -12.39 -0.64
CA CYS A 138 -1.64 -11.54 0.50
C CYS A 138 -1.22 -10.09 0.21
N VAL A 139 -2.16 -9.16 0.38
CA VAL A 139 -1.90 -7.73 0.23
C VAL A 139 -1.99 -7.06 1.60
N VAL A 140 -0.93 -6.35 1.98
CA VAL A 140 -0.81 -5.70 3.26
C VAL A 140 -0.74 -4.20 3.04
N ASN A 141 -1.49 -3.45 3.85
CA ASN A 141 -1.46 -2.00 3.90
C ASN A 141 -1.09 -1.58 5.32
N SER A 142 0.04 -0.90 5.48
CA SER A 142 0.50 -0.49 6.80
C SER A 142 0.76 1.01 6.90
N HIS A 143 0.45 1.57 8.06
CA HIS A 143 0.83 2.93 8.41
C HIS A 143 1.73 2.82 9.63
N LEU A 144 3.03 3.04 9.43
CA LEU A 144 4.02 2.86 10.47
C LEU A 144 4.34 4.20 11.14
N ALA A 145 5.05 4.13 12.26
CA ALA A 145 5.26 5.28 13.14
C ALA A 145 5.89 6.49 12.44
N ALA A 146 5.45 7.67 12.85
CA ALA A 146 5.93 8.94 12.30
C ALA A 146 7.29 9.40 12.84
N HIS A 147 7.91 10.32 12.10
CA HIS A 147 9.05 11.14 12.51
C HIS A 147 10.39 10.48 12.23
N ILE A 148 11.34 11.29 11.77
CA ILE A 148 12.64 10.81 11.33
C ILE A 148 13.36 9.95 12.37
N GLU A 149 13.26 10.33 13.64
CA GLU A 149 14.04 9.69 14.71
C GLU A 149 13.46 8.35 15.16
N GLU A 150 12.26 7.99 14.67
CA GLU A 150 11.57 6.80 15.12
C GLU A 150 11.67 5.61 14.18
N TYR A 151 12.80 5.47 13.48
CA TYR A 151 12.96 4.35 12.55
C TYR A 151 12.93 2.99 13.27
N GLU A 152 13.45 2.92 14.50
CA GLU A 152 13.40 1.66 15.27
C GLU A 152 11.97 1.24 15.58
N ARG A 153 11.11 2.20 15.88
CA ARG A 153 9.71 1.90 16.11
C ARG A 153 9.01 1.46 14.82
N ARG A 154 9.37 2.06 13.68
CA ARG A 154 8.83 1.61 12.39
C ARG A 154 9.24 0.15 12.13
N ASN A 155 10.51 -0.17 12.39
CA ASN A 155 10.97 -1.54 12.27
C ASN A 155 10.14 -2.48 13.17
N GLN A 156 9.87 -2.05 14.39
CA GLN A 156 9.11 -2.86 15.36
C GLN A 156 7.66 -3.00 14.93
N ASP A 157 7.09 -1.93 14.38
CA ASP A 157 5.72 -1.98 13.88
C ASP A 157 5.60 -3.03 12.78
N TYR A 158 6.60 -3.07 11.90
CA TYR A 158 6.62 -4.04 10.82
C TYR A 158 6.71 -5.46 11.39
N LYS A 159 7.63 -5.66 12.33
CA LYS A 159 7.81 -7.00 12.92
C LYS A 159 6.53 -7.43 13.64
N ASP A 160 5.85 -6.49 14.29
CA ASP A 160 4.63 -6.80 15.05
C ASP A 160 3.46 -7.16 14.13
N ILE A 161 3.31 -6.44 13.02
CA ILE A 161 2.31 -6.82 12.01
C ILE A 161 2.60 -8.22 11.49
N CYS A 162 3.86 -8.50 11.18
CA CYS A 162 4.23 -9.82 10.64
C CYS A 162 3.93 -10.95 11.62
N SER A 163 4.21 -10.75 12.92
CA SER A 163 4.01 -11.81 13.90
C SER A 163 2.56 -11.94 14.39
N ARG A 164 1.80 -10.85 14.43
CA ARG A 164 0.46 -10.87 15.00
C ARG A 164 -0.65 -11.14 13.97
N MET A 165 -0.41 -10.78 12.72
CA MET A 165 -1.41 -10.98 11.66
C MET A 165 -1.57 -12.49 11.38
N GLN A 166 -2.69 -13.06 11.82
CA GLN A 166 -3.02 -14.46 11.54
C GLN A 166 -4.36 -14.59 10.83
N PHE A 167 -4.40 -15.36 9.75
CA PHE A 167 -5.62 -15.55 8.97
C PHE A 167 -6.27 -16.89 9.25
N CYS A 168 -7.60 -16.93 9.17
CA CYS A 168 -8.33 -18.22 9.22
C CYS A 168 -7.94 -19.07 8.03
N GLN A 169 -8.27 -20.35 8.12
CA GLN A 169 -7.83 -21.33 7.17
C GLN A 169 -8.85 -22.48 7.18
N PRO A 170 -9.09 -23.13 6.02
CA PRO A 170 -10.03 -24.26 5.95
C PRO A 170 -9.75 -25.39 6.93
N ASP A 171 -8.47 -25.65 7.23
CA ASP A 171 -8.06 -26.78 8.07
C ASP A 171 -7.51 -26.37 9.44
N PRO A 172 -8.39 -26.37 10.47
CA PRO A 172 -7.99 -26.40 11.89
C PRO A 172 -7.22 -27.67 12.28
N SER A 173 -5.89 -27.57 12.21
CA SER A 173 -4.98 -28.70 12.41
C SER A 173 -3.58 -28.21 12.02
N LEU A 174 -3.51 -27.55 10.87
CA LEU A 174 -2.33 -26.79 10.49
C LEU A 174 -2.25 -25.52 11.33
N PRO A 175 -1.04 -24.94 11.44
CA PRO A 175 -0.93 -23.62 12.09
C PRO A 175 -1.65 -22.55 11.28
N PRO A 176 -2.18 -21.49 11.94
CA PRO A 176 -2.76 -20.38 11.21
C PRO A 176 -1.87 -19.82 10.10
N LEU A 177 -2.53 -19.30 9.07
CA LEU A 177 -1.87 -18.60 7.98
C LEU A 177 -1.28 -17.29 8.48
N THR A 178 -0.03 -17.04 8.12
CA THR A 178 0.63 -15.76 8.37
C THR A 178 0.84 -15.10 7.02
N ILE A 179 1.23 -13.84 7.04
CA ILE A 179 1.51 -13.08 5.82
C ILE A 179 2.53 -13.83 4.96
N SER A 180 3.59 -14.32 5.57
CA SER A 180 4.70 -14.93 4.82
C SER A 180 4.32 -16.23 4.07
N ASN A 181 3.29 -16.94 4.52
N ASN A 181 3.29 -16.94 4.55
CA ASN A 181 2.88 -18.20 3.88
CA ASN A 181 2.81 -18.17 3.94
C ASN A 181 1.98 -17.94 2.67
C ASN A 181 1.97 -17.93 2.68
N HIS A 182 2.47 -17.14 1.72
CA HIS A 182 1.74 -16.88 0.47
C HIS A 182 2.70 -16.85 -0.74
N ASP A 183 2.20 -17.30 -1.90
CA ASP A 183 3.01 -17.32 -3.12
C ASP A 183 3.40 -15.91 -3.51
N VAL A 184 2.48 -14.97 -3.35
CA VAL A 184 2.66 -13.59 -3.74
C VAL A 184 2.28 -12.69 -2.56
N ILE A 185 3.19 -11.79 -2.18
CA ILE A 185 2.92 -10.77 -1.14
C ILE A 185 3.14 -9.39 -1.74
N LEU A 186 2.13 -8.54 -1.66
CA LEU A 186 2.28 -7.13 -2.04
C LEU A 186 2.11 -6.32 -0.75
N TRP A 187 3.12 -5.53 -0.40
CA TRP A 187 3.07 -4.70 0.79
C TRP A 187 3.13 -3.23 0.38
N LEU A 188 2.11 -2.49 0.79
CA LEU A 188 2.02 -1.09 0.48
C LEU A 188 1.68 -0.29 1.73
N GLY A 189 1.93 1.01 1.67
CA GLY A 189 1.50 1.91 2.74
C GLY A 189 2.28 3.20 2.88
N ASP A 190 1.90 3.96 3.89
CA ASP A 190 2.70 5.07 4.38
C ASP A 190 3.65 4.45 5.39
N LEU A 191 4.79 3.97 4.89
CA LEU A 191 5.78 3.30 5.75
C LEU A 191 6.54 4.32 6.60
N ASN A 192 6.47 5.59 6.19
CA ASN A 192 6.89 6.73 7.00
C ASN A 192 8.39 6.85 7.25
N TYR A 193 9.19 6.17 6.44
CA TYR A 193 10.64 6.29 6.52
C TYR A 193 11.09 7.57 5.82
N ARG A 194 12.09 8.22 6.41
CA ARG A 194 12.55 9.55 6.02
C ARG A 194 13.99 9.53 5.54
N ILE A 195 14.50 10.71 5.19
CA ILE A 195 15.87 10.86 4.70
C ILE A 195 16.83 11.17 5.87
N GLU A 196 17.81 10.29 6.09
CA GLU A 196 18.79 10.53 7.15
CA GLU A 196 18.87 10.45 7.10
C GLU A 196 19.81 11.59 6.76
N GLU A 197 20.47 12.12 7.78
CA GLU A 197 21.67 12.96 7.65
C GLU A 197 21.48 14.35 7.02
N LEU A 198 20.92 14.39 5.82
CA LEU A 198 20.85 15.64 5.04
C LEU A 198 19.89 16.65 5.69
N ASP A 199 20.22 17.94 5.60
CA ASP A 199 19.33 19.00 6.08
C ASP A 199 18.26 19.30 5.04
N VAL A 200 17.25 20.06 5.44
CA VAL A 200 16.04 20.21 4.62
C VAL A 200 16.35 20.86 3.29
N GLU A 201 17.21 21.86 3.32
CA GLU A 201 17.58 22.61 2.12
C GLU A 201 18.31 21.71 1.12
N LYS A 202 19.19 20.85 1.62
CA LYS A 202 19.92 19.93 0.76
C LYS A 202 18.95 18.93 0.12
N VAL A 203 18.04 18.36 0.92
CA VAL A 203 17.01 17.46 0.39
C VAL A 203 16.25 18.12 -0.75
N LYS A 204 15.74 19.32 -0.51
CA LYS A 204 14.99 20.06 -1.53
C LYS A 204 15.81 20.39 -2.77
N LYS A 205 17.10 20.64 -2.60
CA LYS A 205 18.00 20.90 -3.73
C LYS A 205 18.19 19.66 -4.59
N LEU A 206 18.44 18.51 -3.96
CA LEU A 206 18.59 17.27 -4.71
C LEU A 206 17.33 16.98 -5.52
N ILE A 207 16.17 17.24 -4.93
CA ILE A 207 14.88 17.02 -5.62
C ILE A 207 14.73 17.96 -6.81
N GLU A 208 15.09 19.23 -6.62
CA GLU A 208 15.11 20.20 -7.70
C GLU A 208 16.04 19.73 -8.82
N GLU A 209 17.22 19.22 -8.45
CA GLU A 209 18.18 18.69 -9.41
C GLU A 209 17.76 17.33 -9.98
N LYS A 210 16.66 16.75 -9.47
CA LYS A 210 16.17 15.45 -9.89
C LYS A 210 17.20 14.31 -9.66
N ASP A 211 18.11 14.53 -8.71
CA ASP A 211 19.09 13.53 -8.35
C ASP A 211 18.47 12.60 -7.31
N PHE A 212 17.59 11.72 -7.77
CA PHE A 212 16.89 10.82 -6.87
C PHE A 212 17.78 9.68 -6.42
N GLN A 213 18.78 9.33 -7.22
CA GLN A 213 19.72 8.29 -6.86
C GLN A 213 20.56 8.68 -5.64
N MET A 214 20.99 9.94 -5.59
CA MET A 214 21.74 10.44 -4.43
C MET A 214 20.86 10.56 -3.20
N LEU A 215 19.66 11.11 -3.36
CA LEU A 215 18.74 11.26 -2.24
C LEU A 215 18.39 9.90 -1.64
N TYR A 216 18.18 8.91 -2.51
CA TYR A 216 17.84 7.56 -2.10
C TYR A 216 18.95 6.88 -1.28
N ALA A 217 20.20 7.30 -1.48
CA ALA A 217 21.30 6.77 -0.69
C ALA A 217 21.13 7.08 0.81
N TYR A 218 20.33 8.09 1.12
CA TYR A 218 20.08 8.50 2.50
C TYR A 218 18.70 8.10 3.02
N ASP A 219 17.96 7.33 2.22
CA ASP A 219 16.61 6.88 2.59
C ASP A 219 16.68 5.78 3.66
N GLN A 220 15.91 5.97 4.72
CA GLN A 220 15.92 5.04 5.85
C GLN A 220 15.42 3.64 5.50
N LEU A 221 14.43 3.53 4.61
CA LEU A 221 13.94 2.21 4.25
C LEU A 221 15.06 1.43 3.57
N LYS A 222 15.74 2.06 2.62
CA LYS A 222 16.90 1.44 1.96
C LYS A 222 17.93 0.94 2.96
N ILE A 223 18.27 1.81 3.91
CA ILE A 223 19.29 1.49 4.90
C ILE A 223 18.86 0.31 5.79
N GLN A 224 17.62 0.36 6.29
CA GLN A 224 17.10 -0.71 7.15
C GLN A 224 16.96 -2.04 6.42
N VAL A 225 16.49 -2.01 5.18
CA VAL A 225 16.46 -3.22 4.36
C VAL A 225 17.88 -3.79 4.20
N ALA A 226 18.87 -2.95 3.91
CA ALA A 226 20.25 -3.39 3.78
C ALA A 226 20.78 -4.01 5.08
N ALA A 227 20.33 -3.48 6.22
CA ALA A 227 20.71 -4.02 7.51
C ALA A 227 19.87 -5.24 7.92
N LYS A 228 18.91 -5.62 7.09
CA LYS A 228 18.09 -6.83 7.30
C LYS A 228 17.21 -6.74 8.58
N THR A 229 16.86 -5.52 8.97
CA THR A 229 15.97 -5.31 10.10
C THR A 229 14.49 -5.34 9.69
N VAL A 230 14.20 -5.03 8.42
CA VAL A 230 12.83 -5.08 7.89
C VAL A 230 12.80 -5.56 6.45
N PHE A 231 11.64 -6.07 6.03
CA PHE A 231 11.35 -6.41 4.64
C PHE A 231 12.37 -7.37 4.00
N GLU A 232 12.83 -8.35 4.78
CA GLU A 232 13.74 -9.37 4.25
C GLU A 232 13.10 -10.14 3.09
N GLY A 233 13.79 -10.17 1.95
CA GLY A 233 13.33 -10.92 0.78
C GLY A 233 12.38 -10.14 -0.12
N PHE A 234 12.00 -8.93 0.30
CA PHE A 234 11.16 -8.08 -0.53
C PHE A 234 12.00 -7.24 -1.49
N THR A 235 11.38 -6.86 -2.59
CA THR A 235 11.97 -5.96 -3.55
C THR A 235 11.18 -4.68 -3.62
N GLU A 236 11.86 -3.56 -3.82
CA GLU A 236 11.21 -2.31 -4.20
C GLU A 236 11.81 -1.85 -5.52
N GLY A 237 10.97 -1.35 -6.40
CA GLY A 237 11.44 -0.76 -7.65
C GLY A 237 12.16 0.56 -7.41
N GLU A 238 13.01 0.92 -8.36
CA GLU A 238 13.69 2.21 -8.32
C GLU A 238 12.67 3.35 -8.18
N LEU A 239 13.00 4.29 -7.31
CA LEU A 239 12.22 5.51 -7.12
C LEU A 239 12.65 6.55 -8.15
N THR A 240 11.79 6.83 -9.12
CA THR A 240 12.06 7.82 -10.18
C THR A 240 11.13 9.02 -10.06
N PHE A 241 10.33 9.06 -8.99
CA PHE A 241 9.47 10.21 -8.72
C PHE A 241 9.92 10.91 -7.45
N GLN A 242 9.56 12.18 -7.31
CA GLN A 242 9.99 12.96 -6.17
C GLN A 242 9.22 12.55 -4.94
N PRO A 243 9.81 12.74 -3.75
CA PRO A 243 9.11 12.46 -2.50
C PRO A 243 7.65 12.92 -2.49
N THR A 244 6.82 12.14 -1.81
CA THR A 244 5.37 12.28 -1.85
C THR A 244 4.80 12.97 -0.60
N TYR A 245 5.69 13.40 0.29
CA TYR A 245 5.36 14.11 1.52
C TYR A 245 6.49 15.13 1.71
N LYS A 246 6.25 16.34 2.25
CA LYS A 246 4.95 16.83 2.70
C LYS A 246 4.60 18.11 1.93
N TYR A 247 3.38 18.16 1.40
CA TYR A 247 2.91 19.29 0.60
C TYR A 247 1.87 20.14 1.34
N ASP A 248 1.83 21.43 1.03
CA ASP A 248 0.68 22.26 1.37
C ASP A 248 -0.51 21.68 0.63
N THR A 249 -1.59 21.43 1.37
CA THR A 249 -2.86 20.98 0.79
C THR A 249 -3.28 21.91 -0.34
N GLY A 250 -3.78 21.34 -1.43
CA GLY A 250 -4.24 22.12 -2.58
C GLY A 250 -3.13 22.63 -3.49
N SER A 251 -1.91 22.11 -3.32
CA SER A 251 -0.75 22.58 -4.08
C SER A 251 0.31 21.51 -4.28
N ASP A 252 1.33 21.87 -5.05
CA ASP A 252 2.53 21.05 -5.21
C ASP A 252 3.72 21.69 -4.48
N ASP A 253 3.45 22.63 -3.58
CA ASP A 253 4.50 23.28 -2.80
C ASP A 253 4.82 22.47 -1.56
N TRP A 254 6.08 22.46 -1.14
CA TRP A 254 6.46 21.83 0.11
C TRP A 254 5.90 22.60 1.30
N ASP A 255 5.50 21.86 2.33
CA ASP A 255 5.06 22.41 3.61
C ASP A 255 5.68 23.76 3.95
N THR A 256 4.85 24.82 3.94
CA THR A 256 5.27 26.17 4.29
C THR A 256 4.83 26.59 5.70
N SER A 257 4.39 25.62 6.51
CA SER A 257 4.06 25.88 7.92
C SER A 257 5.36 26.10 8.73
N GLU A 258 5.20 26.45 10.00
CA GLU A 258 6.37 26.70 10.87
C GLU A 258 7.25 25.44 11.00
N LYS A 259 6.61 24.28 11.05
CA LYS A 259 7.33 22.99 11.14
C LYS A 259 8.27 22.73 9.97
N CYS A 260 7.92 23.25 8.79
CA CYS A 260 8.76 23.16 7.60
C CYS A 260 9.36 21.75 7.41
N ARG A 261 8.50 20.76 7.26
CA ARG A 261 8.92 19.36 7.24
C ARG A 261 9.79 19.04 6.02
N ALA A 262 10.85 18.25 6.25
CA ALA A 262 11.69 17.72 5.17
C ALA A 262 10.89 16.77 4.30
N PRO A 263 11.01 16.90 2.96
CA PRO A 263 10.38 15.91 2.09
C PRO A 263 10.87 14.49 2.34
N ALA A 264 10.01 13.50 2.09
CA ALA A 264 10.32 12.10 2.32
C ALA A 264 9.54 11.21 1.37
N TRP A 265 10.15 10.09 1.00
CA TRP A 265 9.42 9.02 0.31
C TRP A 265 8.72 8.19 1.38
N CYS A 266 7.60 8.72 1.88
CA CYS A 266 6.83 8.05 2.92
C CYS A 266 6.08 6.86 2.38
N ASP A 267 5.68 6.95 1.11
CA ASP A 267 4.64 6.11 0.55
C ASP A 267 5.25 5.15 -0.47
N ARG A 268 5.15 3.86 -0.16
CA ARG A 268 5.96 2.84 -0.83
C ARG A 268 5.17 1.58 -1.16
N ILE A 269 5.68 0.84 -2.14
CA ILE A 269 5.11 -0.45 -2.51
C ILE A 269 6.25 -1.44 -2.70
N LEU A 270 6.14 -2.60 -2.07
CA LEU A 270 7.15 -3.65 -2.18
C LEU A 270 6.49 -4.98 -2.48
N TRP A 271 7.28 -5.95 -2.93
CA TRP A 271 6.74 -7.26 -3.28
C TRP A 271 7.67 -8.42 -3.02
N LYS A 272 7.06 -9.60 -2.90
CA LYS A 272 7.81 -10.85 -2.75
C LYS A 272 7.04 -11.99 -3.42
N GLY A 273 7.73 -12.75 -4.25
CA GLY A 273 7.15 -13.94 -4.90
C GLY A 273 7.72 -14.20 -6.28
N LYS A 274 7.51 -15.42 -6.76
CA LYS A 274 7.89 -15.83 -8.10
C LYS A 274 6.98 -15.21 -9.16
N ASN A 275 7.52 -15.06 -10.37
CA ASN A 275 6.79 -14.61 -11.55
C ASN A 275 6.13 -13.23 -11.39
N ILE A 276 6.86 -12.30 -10.76
CA ILE A 276 6.38 -10.94 -10.65
C ILE A 276 7.32 -10.02 -11.45
N THR A 277 6.75 -9.10 -12.21
CA THR A 277 7.48 -8.06 -12.92
C THR A 277 6.76 -6.75 -12.71
N GLN A 278 7.49 -5.75 -12.25
CA GLN A 278 6.93 -4.42 -12.07
C GLN A 278 7.00 -3.71 -13.41
N LEU A 279 5.86 -3.18 -13.84
CA LEU A 279 5.76 -2.45 -15.10
C LEU A 279 5.82 -0.95 -14.86
N SER A 280 5.47 -0.51 -13.67
CA SER A 280 5.57 0.91 -13.35
C SER A 280 5.52 1.14 -11.85
N TYR A 281 6.01 2.31 -11.46
CA TYR A 281 6.04 2.75 -10.06
C TYR A 281 6.09 4.27 -10.11
N GLN A 282 5.02 4.92 -9.71
CA GLN A 282 4.95 6.37 -9.80
C GLN A 282 4.07 7.01 -8.75
N SER A 283 4.23 8.32 -8.61
CA SER A 283 3.36 9.15 -7.78
C SER A 283 2.49 9.93 -8.72
N HIS A 284 1.43 10.53 -8.18
CA HIS A 284 0.47 11.27 -8.98
C HIS A 284 0.29 12.67 -8.43
N MET A 285 1.08 13.60 -8.96
CA MET A 285 1.17 14.96 -8.45
C MET A 285 -0.14 15.74 -8.59
N ALA A 286 -0.92 15.41 -9.61
CA ALA A 286 -2.13 16.15 -9.94
C ALA A 286 -3.20 16.16 -8.83
N LEU A 287 -3.18 15.15 -7.96
CA LEU A 287 -4.12 15.08 -6.84
C LEU A 287 -3.60 15.88 -5.66
N LYS A 288 -4.38 16.85 -5.24
CA LYS A 288 -3.96 17.83 -4.23
C LYS A 288 -4.87 17.90 -2.99
N THR A 289 -5.79 16.94 -2.85
CA THR A 289 -6.68 16.86 -1.69
C THR A 289 -5.87 16.74 -0.37
N SER A 290 -4.74 16.06 -0.45
CA SER A 290 -3.97 15.71 0.74
C SER A 290 -2.61 16.37 0.77
N ASP A 291 -1.93 16.22 1.90
CA ASP A 291 -0.55 16.67 2.04
C ASP A 291 0.44 15.60 1.57
N HIS A 292 -0.07 14.42 1.19
CA HIS A 292 0.69 13.41 0.46
C HIS A 292 0.16 13.32 -0.97
N LYS A 293 0.99 12.82 -1.88
CA LYS A 293 0.54 12.40 -3.19
C LYS A 293 0.32 10.88 -3.17
N PRO A 294 -0.65 10.39 -3.95
CA PRO A 294 -0.82 8.94 -4.09
C PRO A 294 0.31 8.30 -4.88
N VAL A 295 0.58 7.04 -4.58
CA VAL A 295 1.57 6.23 -5.28
C VAL A 295 0.88 5.01 -5.87
N SER A 296 1.33 4.58 -7.05
CA SER A 296 0.80 3.38 -7.70
C SER A 296 1.93 2.54 -8.32
N SER A 297 1.66 1.24 -8.45
CA SER A 297 2.50 0.34 -9.21
C SER A 297 1.62 -0.66 -9.93
N VAL A 298 1.98 -1.00 -11.15
CA VAL A 298 1.30 -2.04 -11.89
C VAL A 298 2.30 -3.19 -12.10
N PHE A 299 1.84 -4.41 -11.85
CA PHE A 299 2.65 -5.61 -11.96
C PHE A 299 2.03 -6.58 -12.96
N ASP A 300 2.88 -7.32 -13.68
CA ASP A 300 2.46 -8.54 -14.34
C ASP A 300 2.83 -9.66 -13.40
N ILE A 301 1.85 -10.46 -13.02
CA ILE A 301 2.06 -11.54 -12.06
C ILE A 301 1.59 -12.84 -12.67
N GLY A 302 2.49 -13.84 -12.68
CA GLY A 302 2.14 -15.17 -13.17
C GLY A 302 1.32 -15.93 -12.15
N VAL A 303 0.16 -16.44 -12.57
CA VAL A 303 -0.76 -17.13 -11.67
C VAL A 303 -0.94 -18.56 -12.16
N ARG A 304 -1.02 -19.52 -11.25
CA ARG A 304 -1.22 -20.92 -11.62
C ARG A 304 -2.69 -21.18 -11.95
N VAL A 305 -2.99 -21.49 -13.20
CA VAL A 305 -4.35 -21.72 -13.67
C VAL A 305 -4.51 -23.17 -14.06
N VAL A 306 -5.68 -23.73 -13.76
CA VAL A 306 -5.95 -25.13 -14.12
C VAL A 306 -6.32 -25.17 -15.59
N ALA A 307 -5.66 -26.05 -16.32
CA ALA A 307 -5.94 -26.26 -17.71
C ALA A 307 -7.24 -27.02 -17.85
N HIS A 308 -8.09 -26.64 -18.81
CA HIS A 308 -9.35 -27.33 -19.06
C HIS A 308 -9.15 -28.67 -19.74
N HIS A 309 -9.81 -29.70 -19.21
CA HIS A 309 -9.76 -31.02 -19.80
C HIS A 309 -10.94 -31.21 -20.74
N HIS A 310 -10.72 -31.78 -21.93
CA HIS A 310 -11.79 -32.06 -22.89
C HIS A 310 -11.73 -33.51 -23.35
#